data_8C8S
#
_entry.id   8C8S
#
_cell.length_a   51.684
_cell.length_b   57.321
_cell.length_c   113.730
_cell.angle_alpha   90.000
_cell.angle_beta   90.000
_cell.angle_gamma   90.000
#
_symmetry.space_group_name_H-M   'P 21 21 21'
#
loop_
_entity.id
_entity.type
_entity.pdbx_description
1 polymer 'DNA cross-link repair 1A protein'
2 non-polymer (2~{R})-3-[6-chloranyl-2-(prop-2-enylamino)quinazolin-4-yl]-2-methyl-~{N}-oxidanyl-propanamide
3 non-polymer 'ZINC ION'
4 water water
#
_entity_poly.entity_id   1
_entity_poly.type   'polypeptide(L)'
_entity_poly.pdbx_seq_one_letter_code
;KKTCPFYKKIPGTGFTVDAFQYGVVEGCTAYFLTHFHSDHYAGLSKHFTFPVYCSEITGNLLKNKLHVQEQYIHPLPLDT
ECIVNGVKVVLLDANHCPGAVMILFYLPNGTVILHTGDFRADPSMERSLLADQKVHMLYLDTTYCSPEYTFPSQQEVIRF
AINTAFEAVTLNPHALVVCGTYSIGKEKVFLAIADVLGSKVGMSQEKYKTLQCLNIPEINSLITTDMCSSLVHLLPMMQI
NFKGLQSHLKKCGGKYNQILAFRPTGWTHSNKFTRIADVIPQTKGNISIYGIPYSEHSSYLEMKRFVQWLKPQKIIPTVN
VGTWKSRSTMEKYFREWKLEAGY
;
_entity_poly.pdbx_strand_id   A
#
loop_
_chem_comp.id
_chem_comp.type
_chem_comp.name
_chem_comp.formula
U2O non-polymer (2~{R})-3-[6-chloranyl-2-(prop-2-enylamino)quinazolin-4-yl]-2-methyl-~{N}-oxidanyl-propanamide 'C15 H17 Cl N4 O2'
ZN non-polymer 'ZINC ION' 'Zn 2'
#
# COMPACT_ATOMS: atom_id res chain seq x y z
N THR A 3 6.47 -13.36 -20.40
CA THR A 3 7.53 -12.45 -20.82
C THR A 3 7.52 -11.14 -20.02
N CYS A 4 8.68 -10.78 -19.49
CA CYS A 4 8.84 -9.64 -18.60
C CYS A 4 8.74 -8.33 -19.39
N PRO A 5 7.82 -7.42 -19.04
CA PRO A 5 7.67 -6.18 -19.80
C PRO A 5 8.81 -5.20 -19.55
N PHE A 6 8.94 -4.26 -20.49
CA PHE A 6 10.11 -3.37 -20.51
C PHE A 6 10.18 -2.50 -19.26
N TYR A 7 9.02 -2.04 -18.76
CA TYR A 7 9.02 -1.14 -17.60
C TYR A 7 9.38 -1.84 -16.30
N LYS A 8 9.76 -3.12 -16.33
CA LYS A 8 10.23 -3.83 -15.16
C LYS A 8 11.73 -4.06 -15.18
N LYS A 9 12.42 -3.59 -16.22
CA LYS A 9 13.86 -3.73 -16.36
C LYS A 9 14.53 -2.38 -16.18
N ILE A 10 15.70 -2.39 -15.54
CA ILE A 10 16.51 -1.18 -15.37
C ILE A 10 17.62 -1.23 -16.42
N PRO A 11 17.53 -0.46 -17.50
CA PRO A 11 18.54 -0.56 -18.57
C PRO A 11 19.93 -0.25 -18.05
N GLY A 12 20.91 -0.99 -18.55
CA GLY A 12 22.28 -0.82 -18.11
C GLY A 12 22.64 -1.55 -16.85
N THR A 13 21.76 -2.42 -16.36
CA THR A 13 21.99 -3.17 -15.13
C THR A 13 21.47 -4.58 -15.29
N GLY A 14 21.82 -5.45 -14.35
CA GLY A 14 21.24 -6.77 -14.33
C GLY A 14 19.99 -6.81 -13.46
N PHE A 15 19.33 -5.66 -13.31
CA PHE A 15 18.30 -5.48 -12.31
C PHE A 15 16.90 -5.57 -12.91
N THR A 16 16.00 -6.21 -12.17
CA THR A 16 14.57 -6.14 -12.42
C THR A 16 13.87 -5.65 -11.16
N VAL A 17 12.67 -5.10 -11.35
CA VAL A 17 11.85 -4.59 -10.27
C VAL A 17 10.50 -5.29 -10.35
N ASP A 18 10.11 -5.96 -9.27
CA ASP A 18 8.78 -6.57 -9.14
C ASP A 18 8.45 -7.50 -10.30
N ALA A 19 9.43 -8.32 -10.70
CA ALA A 19 9.33 -9.15 -11.90
C ALA A 19 9.64 -10.60 -11.51
N PHE A 20 8.71 -11.23 -10.80
CA PHE A 20 8.94 -12.55 -10.25
C PHE A 20 8.07 -13.63 -10.88
N GLN A 21 7.18 -13.27 -11.81
CA GLN A 21 6.27 -14.23 -12.40
C GLN A 21 6.67 -14.62 -13.82
N TYR A 22 7.91 -14.34 -14.21
CA TYR A 22 8.38 -14.59 -15.56
C TYR A 22 9.49 -15.62 -15.59
N GLY A 23 9.54 -16.50 -14.59
CA GLY A 23 10.61 -17.47 -14.48
C GLY A 23 11.96 -16.78 -14.32
N VAL A 24 13.01 -17.47 -14.75
CA VAL A 24 14.33 -16.86 -14.76
C VAL A 24 14.36 -15.76 -15.82
N VAL A 25 14.76 -14.57 -15.41
CA VAL A 25 14.92 -13.45 -16.33
C VAL A 25 16.37 -13.47 -16.80
N GLU A 26 16.58 -13.61 -18.11
CA GLU A 26 17.91 -13.82 -18.66
C GLU A 26 18.85 -12.69 -18.26
N GLY A 27 19.92 -13.04 -17.55
CA GLY A 27 20.91 -12.07 -17.15
C GLY A 27 20.52 -11.18 -15.99
N CYS A 28 19.45 -11.50 -15.26
CA CYS A 28 19.11 -10.75 -14.07
C CYS A 28 19.95 -11.29 -12.91
N THR A 29 20.74 -10.43 -12.31
CA THR A 29 21.60 -10.77 -11.18
C THR A 29 20.99 -10.40 -9.84
N ALA A 30 19.95 -9.56 -9.83
CA ALA A 30 19.32 -9.14 -8.59
C ALA A 30 17.88 -8.75 -8.89
N TYR A 31 16.94 -9.34 -8.15
CA TYR A 31 15.53 -9.05 -8.28
C TYR A 31 15.12 -8.13 -7.13
N PHE A 32 14.74 -6.89 -7.43
CA PHE A 32 14.23 -5.99 -6.41
C PHE A 32 12.73 -6.18 -6.23
N LEU A 33 12.27 -6.15 -4.98
CA LEU A 33 10.85 -6.20 -4.66
C LEU A 33 10.50 -4.95 -3.87
N THR A 34 9.67 -4.08 -4.46
CA THR A 34 9.37 -2.80 -3.81
C THR A 34 8.49 -2.97 -2.58
N HIS A 35 7.56 -3.93 -2.59
CA HIS A 35 6.72 -4.12 -1.40
C HIS A 35 5.97 -5.43 -1.50
N PHE A 36 5.37 -5.83 -0.37
CA PHE A 36 4.77 -7.16 -0.26
C PHE A 36 3.26 -7.11 -0.56
N HIS A 37 2.95 -6.82 -1.82
CA HIS A 37 1.60 -6.96 -2.35
C HIS A 37 1.62 -7.98 -3.48
N SER A 38 0.57 -8.79 -3.59
CA SER A 38 0.61 -9.98 -4.45
C SER A 38 0.81 -9.64 -5.91
N ASP A 39 0.28 -8.51 -6.40
CA ASP A 39 0.53 -8.18 -7.80
C ASP A 39 1.99 -7.88 -8.09
N HIS A 40 2.84 -7.73 -7.06
CA HIS A 40 4.25 -7.44 -7.23
C HIS A 40 5.16 -8.60 -6.91
N TYR A 41 4.86 -9.39 -5.89
CA TYR A 41 5.71 -10.55 -5.61
C TYR A 41 5.24 -11.83 -6.29
N ALA A 42 4.20 -11.75 -7.12
CA ALA A 42 3.67 -12.93 -7.81
C ALA A 42 4.81 -13.73 -8.45
N GLY A 43 4.95 -14.99 -8.04
CA GLY A 43 6.01 -15.87 -8.51
C GLY A 43 6.97 -16.29 -7.42
N LEU A 44 7.23 -15.41 -6.44
CA LEU A 44 8.12 -15.75 -5.34
C LEU A 44 7.56 -16.89 -4.51
N SER A 45 8.45 -17.77 -4.05
CA SER A 45 8.11 -18.92 -3.23
C SER A 45 9.40 -19.47 -2.64
N LYS A 46 9.26 -20.52 -1.83
CA LYS A 46 10.38 -21.19 -1.18
C LYS A 46 11.39 -21.76 -2.17
N HIS A 47 11.04 -21.85 -3.45
CA HIS A 47 11.89 -22.45 -4.47
C HIS A 47 12.68 -21.40 -5.27
N PHE A 48 12.56 -20.12 -4.90
CA PHE A 48 13.31 -19.07 -5.60
C PHE A 48 14.76 -19.12 -5.17
N THR A 49 15.68 -19.02 -6.14
CA THR A 49 17.10 -19.22 -5.85
C THR A 49 17.97 -18.07 -6.31
N PHE A 50 17.44 -16.86 -6.42
CA PHE A 50 18.21 -15.70 -6.82
C PHE A 50 18.13 -14.61 -5.75
N PRO A 51 19.10 -13.70 -5.71
CA PRO A 51 19.07 -12.62 -4.71
C PRO A 51 17.85 -11.73 -4.86
N VAL A 52 17.16 -11.51 -3.75
CA VAL A 52 16.02 -10.60 -3.67
C VAL A 52 16.42 -9.43 -2.76
N TYR A 53 16.35 -8.21 -3.29
CA TYR A 53 16.65 -6.99 -2.55
C TYR A 53 15.35 -6.26 -2.23
N CYS A 54 15.21 -5.81 -0.99
CA CYS A 54 13.95 -5.29 -0.49
C CYS A 54 14.20 -4.59 0.85
N SER A 55 13.14 -4.04 1.42
CA SER A 55 13.23 -3.47 2.76
C SER A 55 13.24 -4.56 3.84
N GLU A 56 13.60 -4.16 5.05
CA GLU A 56 13.60 -5.12 6.17
C GLU A 56 12.22 -5.75 6.35
N ILE A 57 11.16 -4.94 6.35
CA ILE A 57 9.81 -5.46 6.58
C ILE A 57 9.40 -6.42 5.46
N THR A 58 9.69 -6.06 4.22
CA THR A 58 9.39 -6.96 3.11
C THR A 58 10.11 -8.28 3.28
N GLY A 59 11.34 -8.24 3.78
CA GLY A 59 12.09 -9.48 3.96
C GLY A 59 11.53 -10.36 5.07
N ASN A 60 11.06 -9.73 6.17
CA ASN A 60 10.35 -10.49 7.19
C ASN A 60 9.18 -11.25 6.61
N LEU A 61 8.43 -10.62 5.69
CA LEU A 61 7.25 -11.27 5.13
C LEU A 61 7.65 -12.35 4.13
N LEU A 62 8.69 -12.09 3.34
CA LEU A 62 9.21 -13.13 2.44
C LEU A 62 9.62 -14.38 3.22
N LYS A 63 10.39 -14.20 4.29
CA LYS A 63 10.82 -15.34 5.10
C LYS A 63 9.63 -16.03 5.75
N ASN A 64 8.73 -15.26 6.37
CA ASN A 64 7.72 -15.87 7.21
C ASN A 64 6.43 -16.25 6.49
N LYS A 65 6.02 -15.51 5.45
CA LYS A 65 4.77 -15.82 4.76
C LYS A 65 4.95 -16.58 3.45
N LEU A 66 6.04 -16.37 2.73
CA LEU A 66 6.31 -17.15 1.52
C LEU A 66 7.38 -18.19 1.73
N HIS A 67 8.07 -18.18 2.87
N HIS A 67 8.06 -18.15 2.88
CA HIS A 67 9.09 -19.17 3.21
CA HIS A 67 9.12 -19.07 3.26
C HIS A 67 10.31 -19.08 2.29
C HIS A 67 10.25 -19.09 2.22
N VAL A 68 10.62 -17.90 1.75
CA VAL A 68 11.84 -17.76 0.96
C VAL A 68 13.03 -18.02 1.86
N GLN A 69 14.05 -18.68 1.31
CA GLN A 69 15.22 -19.02 2.10
C GLN A 69 16.03 -17.77 2.43
N GLU A 70 16.48 -17.68 3.68
CA GLU A 70 17.14 -16.48 4.16
C GLU A 70 18.34 -16.10 3.31
N GLN A 71 19.09 -17.10 2.82
CA GLN A 71 20.28 -16.84 2.02
C GLN A 71 19.97 -16.07 0.74
N TYR A 72 18.72 -15.99 0.34
CA TYR A 72 18.32 -15.25 -0.86
C TYR A 72 17.67 -13.91 -0.54
N ILE A 73 17.46 -13.59 0.74
CA ILE A 73 16.83 -12.34 1.16
C ILE A 73 17.92 -11.36 1.54
N HIS A 74 17.89 -10.18 0.90
CA HIS A 74 18.89 -9.13 1.10
C HIS A 74 18.18 -7.86 1.53
N PRO A 75 17.86 -7.71 2.81
CA PRO A 75 17.22 -6.48 3.27
C PRO A 75 18.22 -5.33 3.26
N LEU A 76 17.70 -4.14 2.98
CA LEU A 76 18.48 -2.93 2.87
C LEU A 76 17.84 -1.84 3.71
N PRO A 77 18.64 -1.08 4.45
CA PRO A 77 18.10 0.04 5.22
C PRO A 77 17.59 1.11 4.28
N LEU A 78 16.64 1.89 4.76
CA LEU A 78 16.18 3.03 4.00
C LEU A 78 17.20 4.16 4.07
N ASP A 79 17.11 5.06 3.08
CA ASP A 79 17.81 6.35 3.13
C ASP A 79 19.33 6.19 3.24
N THR A 80 19.87 5.12 2.65
CA THR A 80 21.25 4.71 2.83
C THR A 80 21.85 4.33 1.49
N GLU A 81 22.97 4.94 1.13
CA GLU A 81 23.65 4.57 -0.09
C GLU A 81 24.25 3.17 0.06
N CYS A 82 23.77 2.22 -0.74
CA CYS A 82 24.22 0.84 -0.71
C CYS A 82 24.73 0.48 -2.10
N ILE A 83 25.60 -0.53 -2.16
CA ILE A 83 26.18 -0.99 -3.42
C ILE A 83 25.66 -2.38 -3.68
N VAL A 84 24.95 -2.55 -4.79
CA VAL A 84 24.42 -3.85 -5.19
C VAL A 84 25.01 -4.18 -6.54
N ASN A 85 25.73 -5.30 -6.62
CA ASN A 85 26.42 -5.75 -7.83
C ASN A 85 27.10 -4.58 -8.55
N GLY A 86 27.84 -3.78 -7.78
CA GLY A 86 28.57 -2.66 -8.34
C GLY A 86 27.76 -1.47 -8.75
N VAL A 87 26.52 -1.34 -8.29
CA VAL A 87 25.67 -0.20 -8.62
C VAL A 87 25.18 0.42 -7.31
N LYS A 88 25.27 1.73 -7.22
CA LYS A 88 24.81 2.43 -6.02
C LYS A 88 23.29 2.55 -6.08
N VAL A 89 22.64 2.14 -5.00
CA VAL A 89 21.18 2.16 -4.89
C VAL A 89 20.79 2.75 -3.54
N VAL A 90 19.63 3.38 -3.51
CA VAL A 90 19.05 3.91 -2.28
C VAL A 90 17.59 3.50 -2.26
N LEU A 91 17.11 3.08 -1.09
CA LEU A 91 15.69 2.82 -0.88
C LEU A 91 15.10 3.97 -0.07
N LEU A 92 13.91 4.40 -0.48
CA LEU A 92 13.20 5.53 0.10
C LEU A 92 11.79 5.09 0.44
N ASP A 93 11.23 5.64 1.51
CA ASP A 93 9.89 5.26 1.89
C ASP A 93 8.91 5.68 0.81
N ALA A 94 8.02 4.77 0.40
CA ALA A 94 7.06 5.04 -0.65
C ALA A 94 5.73 5.57 -0.13
N ASN A 95 5.54 5.62 1.19
CA ASN A 95 4.27 6.02 1.77
C ASN A 95 3.12 5.20 1.17
N HIS A 96 3.35 3.90 1.08
CA HIS A 96 2.34 2.99 0.55
C HIS A 96 1.87 2.09 1.70
N CYS A 97 2.22 0.82 1.68
CA CYS A 97 1.97 -0.09 2.80
C CYS A 97 3.25 -0.28 3.61
N PRO A 98 3.18 -0.94 4.77
CA PRO A 98 4.40 -1.21 5.54
C PRO A 98 5.49 -1.89 4.71
N GLY A 99 6.71 -1.36 4.81
CA GLY A 99 7.85 -1.91 4.09
C GLY A 99 7.98 -1.51 2.63
N ALA A 100 7.04 -0.73 2.11
CA ALA A 100 7.05 -0.34 0.70
C ALA A 100 8.12 0.72 0.45
N VAL A 101 8.87 0.55 -0.63
CA VAL A 101 9.94 1.50 -0.95
C VAL A 101 9.87 1.93 -2.40
N MET A 102 10.48 3.09 -2.67
CA MET A 102 10.95 3.51 -3.97
C MET A 102 12.45 3.22 -4.04
N ILE A 103 12.95 3.04 -5.26
CA ILE A 103 14.36 2.67 -5.46
C ILE A 103 15.03 3.71 -6.35
N LEU A 104 16.12 4.29 -5.86
CA LEU A 104 16.96 5.17 -6.67
C LEU A 104 18.14 4.37 -7.18
N PHE A 105 18.36 4.40 -8.49
CA PHE A 105 19.49 3.71 -9.12
C PHE A 105 20.44 4.75 -9.69
N TYR A 106 21.72 4.65 -9.31
CA TYR A 106 22.78 5.50 -9.87
C TYR A 106 23.56 4.64 -10.87
N LEU A 107 23.22 4.78 -12.14
CA LEU A 107 23.77 3.91 -13.17
C LEU A 107 25.24 4.26 -13.42
N PRO A 108 26.05 3.28 -13.84
CA PRO A 108 27.47 3.57 -14.12
C PRO A 108 27.68 4.69 -15.13
N ASN A 109 26.82 4.81 -16.14
CA ASN A 109 26.96 5.88 -17.13
C ASN A 109 26.49 7.24 -16.64
N GLY A 110 26.22 7.42 -15.34
CA GLY A 110 25.76 8.69 -14.80
C GLY A 110 24.26 8.90 -14.82
N THR A 111 23.50 8.02 -15.45
CA THR A 111 22.04 8.15 -15.44
C THR A 111 21.52 7.86 -14.04
N VAL A 112 20.46 8.56 -13.63
CA VAL A 112 19.82 8.32 -12.33
C VAL A 112 18.36 7.98 -12.59
N ILE A 113 17.92 6.83 -12.07
CA ILE A 113 16.57 6.33 -12.27
C ILE A 113 15.88 6.27 -10.92
N LEU A 114 14.67 6.80 -10.84
CA LEU A 114 13.84 6.60 -9.65
C LEU A 114 12.68 5.70 -10.06
N HIS A 115 12.52 4.59 -9.35
CA HIS A 115 11.39 3.70 -9.51
C HIS A 115 10.52 3.87 -8.28
N THR A 116 9.28 4.35 -8.45
CA THR A 116 8.47 4.64 -7.27
C THR A 116 7.80 3.41 -6.68
N GLY A 117 7.94 2.23 -7.27
CA GLY A 117 7.10 1.12 -6.87
C GLY A 117 5.66 1.60 -6.86
N ASP A 118 4.90 1.18 -5.85
CA ASP A 118 3.64 1.85 -5.55
C ASP A 118 3.90 2.91 -4.48
N PHE A 119 3.33 4.12 -4.67
CA PHE A 119 3.55 5.15 -3.66
C PHE A 119 2.34 6.07 -3.55
N ARG A 120 2.23 6.76 -2.42
CA ARG A 120 1.33 7.91 -2.30
C ARG A 120 2.22 9.13 -2.12
N ALA A 121 2.39 9.86 -3.21
CA ALA A 121 3.27 11.01 -3.22
C ALA A 121 2.93 11.96 -2.09
N ASP A 122 3.95 12.47 -1.41
CA ASP A 122 3.76 13.40 -0.32
C ASP A 122 4.83 14.48 -0.37
N PRO A 123 4.51 15.71 0.02
CA PRO A 123 5.54 16.77 0.01
C PRO A 123 6.75 16.45 0.86
N SER A 124 6.62 15.59 1.87
CA SER A 124 7.79 15.23 2.67
C SER A 124 8.85 14.52 1.83
N MET A 125 8.46 13.95 0.69
CA MET A 125 9.43 13.31 -0.20
C MET A 125 10.37 14.33 -0.84
N GLU A 126 9.99 15.60 -0.84
CA GLU A 126 10.81 16.62 -1.44
C GLU A 126 11.98 17.02 -0.55
N ARG A 127 12.05 16.47 0.66
CA ARG A 127 13.18 16.69 1.57
C ARG A 127 13.84 15.37 1.95
N SER A 128 13.75 14.38 1.08
CA SER A 128 14.54 13.16 1.18
C SER A 128 15.84 13.36 0.41
N LEU A 129 16.61 12.28 0.25
CA LEU A 129 17.80 12.27 -0.61
C LEU A 129 17.48 12.63 -2.06
N LEU A 130 16.21 12.72 -2.44
CA LEU A 130 15.86 13.17 -3.78
C LEU A 130 16.12 14.65 -3.99
N ALA A 131 16.21 15.42 -2.91
CA ALA A 131 16.31 16.87 -3.04
C ALA A 131 17.56 17.23 -3.83
N ASP A 132 17.37 18.04 -4.88
CA ASP A 132 18.45 18.50 -5.75
C ASP A 132 19.15 17.35 -6.48
N GLN A 133 18.49 16.19 -6.59
CA GLN A 133 19.01 15.06 -7.36
C GLN A 133 18.36 15.09 -8.74
N LYS A 134 19.18 15.22 -9.78
CA LYS A 134 18.64 15.09 -11.13
C LYS A 134 18.22 13.65 -11.36
N VAL A 135 17.03 13.46 -11.92
CA VAL A 135 16.48 12.15 -12.22
C VAL A 135 16.21 12.11 -13.72
N HIS A 136 16.89 11.20 -14.42
CA HIS A 136 16.75 11.11 -15.87
C HIS A 136 15.52 10.32 -16.25
N MET A 137 15.23 9.23 -15.54
CA MET A 137 14.05 8.44 -15.83
C MET A 137 13.26 8.19 -14.56
N LEU A 138 11.94 8.30 -14.68
CA LEU A 138 11.03 8.07 -13.57
C LEU A 138 10.08 6.95 -13.94
N TYR A 139 10.16 5.82 -13.23
CA TYR A 139 9.20 4.73 -13.38
C TYR A 139 8.09 5.01 -12.38
N LEU A 140 6.97 5.52 -12.88
CA LEU A 140 5.95 6.19 -12.08
C LEU A 140 4.72 5.31 -11.86
N ASP A 141 4.33 5.14 -10.59
CA ASP A 141 3.04 4.55 -10.21
C ASP A 141 1.94 5.50 -10.64
N THR A 142 1.30 5.18 -11.77
CA THR A 142 0.27 6.01 -12.38
C THR A 142 -1.14 5.48 -12.11
N THR A 143 -1.35 4.81 -10.97
CA THR A 143 -2.64 4.16 -10.70
C THR A 143 -3.80 5.13 -10.90
N TYR A 144 -3.68 6.34 -10.38
CA TYR A 144 -4.72 7.35 -10.39
C TYR A 144 -4.30 8.58 -11.19
N CYS A 145 -3.68 8.37 -12.34
CA CYS A 145 -3.20 9.46 -13.19
C CYS A 145 -4.32 9.99 -14.08
N SER A 146 -5.31 10.60 -13.43
CA SER A 146 -6.40 11.26 -14.14
C SER A 146 -7.10 12.18 -13.16
N PRO A 147 -7.52 13.38 -13.57
CA PRO A 147 -7.96 14.39 -12.58
C PRO A 147 -9.23 14.04 -11.83
N GLU A 148 -10.03 13.09 -12.30
CA GLU A 148 -11.22 12.75 -11.54
C GLU A 148 -10.90 11.92 -10.31
N TYR A 149 -9.64 11.45 -10.18
CA TYR A 149 -9.26 10.70 -9.00
C TYR A 149 -8.91 11.72 -7.92
N THR A 150 -9.93 12.05 -7.14
CA THR A 150 -9.80 12.82 -5.91
C THR A 150 -10.24 11.94 -4.76
N PHE A 151 -9.56 12.07 -3.63
CA PHE A 151 -9.99 11.46 -2.39
C PHE A 151 -9.34 12.22 -1.25
N PRO A 152 -9.85 12.10 -0.03
CA PRO A 152 -9.29 12.89 1.07
C PRO A 152 -7.96 12.34 1.54
N SER A 153 -7.30 13.12 2.39
CA SER A 153 -6.09 12.65 3.04
C SER A 153 -6.41 11.44 3.92
N GLN A 154 -5.38 10.63 4.17
CA GLN A 154 -5.55 9.48 5.07
C GLN A 154 -5.96 9.93 6.46
N GLN A 155 -5.40 11.04 6.93
CA GLN A 155 -5.78 11.57 8.24
C GLN A 155 -7.28 11.88 8.31
N GLU A 156 -7.82 12.50 7.25
CA GLU A 156 -9.25 12.84 7.25
C GLU A 156 -10.13 11.60 7.33
N VAL A 157 -9.75 10.54 6.61
CA VAL A 157 -10.52 9.30 6.62
C VAL A 157 -10.47 8.65 8.00
N ILE A 158 -9.29 8.63 8.61
CA ILE A 158 -9.16 8.03 9.94
C ILE A 158 -9.95 8.85 10.95
N ARG A 159 -9.95 10.17 10.80
CA ARG A 159 -10.77 11.02 11.67
C ARG A 159 -12.23 10.61 11.59
N PHE A 160 -12.73 10.44 10.37
CA PHE A 160 -14.11 10.02 10.17
C PHE A 160 -14.36 8.65 10.77
N ALA A 161 -13.45 7.70 10.55
CA ALA A 161 -13.63 6.37 11.09
C ALA A 161 -13.63 6.38 12.62
N ILE A 162 -12.65 7.06 13.22
CA ILE A 162 -12.56 7.13 14.68
C ILE A 162 -13.84 7.72 15.25
N ASN A 163 -14.29 8.84 14.68
CA ASN A 163 -15.47 9.51 15.22
C ASN A 163 -16.71 8.65 15.06
N THR A 164 -16.86 8.02 13.90
CA THR A 164 -18.00 7.13 13.65
C THR A 164 -18.02 5.96 14.63
N ALA A 165 -16.88 5.30 14.82
CA ALA A 165 -16.83 4.17 15.73
C ALA A 165 -17.07 4.61 17.16
N PHE A 166 -16.39 5.67 17.60
CA PHE A 166 -16.52 6.11 18.98
C PHE A 166 -17.97 6.48 19.29
N GLU A 167 -18.66 7.13 18.36
CA GLU A 167 -20.04 7.49 18.63
C GLU A 167 -20.95 6.27 18.71
N ALA A 168 -20.80 5.32 17.79
CA ALA A 168 -21.71 4.18 17.79
C ALA A 168 -21.52 3.30 19.02
N VAL A 169 -20.27 3.17 19.49
CA VAL A 169 -20.00 2.33 20.67
C VAL A 169 -20.35 3.07 21.96
N THR A 170 -20.15 4.40 21.98
CA THR A 170 -20.59 5.18 23.14
C THR A 170 -22.11 5.15 23.26
N LEU A 171 -22.81 5.28 22.13
CA LEU A 171 -24.26 5.18 22.16
C LEU A 171 -24.71 3.77 22.50
N ASN A 172 -23.99 2.75 22.03
CA ASN A 172 -24.35 1.36 22.25
C ASN A 172 -23.11 0.57 22.64
N PRO A 173 -22.88 0.36 23.94
CA PRO A 173 -21.67 -0.37 24.37
C PRO A 173 -21.66 -1.82 23.94
N HIS A 174 -22.74 -2.34 23.38
CA HIS A 174 -22.80 -3.72 22.93
C HIS A 174 -22.60 -3.84 21.42
N ALA A 175 -22.10 -2.78 20.79
CA ALA A 175 -21.81 -2.80 19.37
C ALA A 175 -20.41 -3.34 19.12
N LEU A 176 -20.26 -4.00 17.97
CA LEU A 176 -18.99 -4.56 17.53
C LEU A 176 -18.55 -3.84 16.26
N VAL A 177 -17.27 -3.48 16.19
CA VAL A 177 -16.70 -2.84 15.00
C VAL A 177 -15.93 -3.90 14.23
N VAL A 178 -16.20 -4.02 12.93
CA VAL A 178 -15.51 -4.97 12.06
C VAL A 178 -14.81 -4.19 10.96
N CYS A 179 -13.56 -4.55 10.69
N CYS A 179 -13.55 -4.53 10.69
CA CYS A 179 -12.79 -3.95 9.61
CA CYS A 179 -12.81 -3.93 9.59
C CYS A 179 -12.37 -5.05 8.64
C CYS A 179 -12.36 -5.03 8.64
N GLY A 180 -12.59 -4.82 7.34
CA GLY A 180 -12.18 -5.77 6.33
C GLY A 180 -10.75 -5.53 5.89
N THR A 181 -10.04 -6.61 5.59
CA THR A 181 -8.66 -6.51 5.13
C THR A 181 -8.37 -7.58 4.09
N TYR A 182 -7.56 -7.23 3.09
CA TYR A 182 -7.24 -8.12 1.99
C TYR A 182 -5.77 -8.45 1.89
N SER A 183 -4.90 -7.59 2.38
CA SER A 183 -3.45 -7.73 2.28
C SER A 183 -2.87 -6.70 3.24
N ILE A 184 -1.55 -6.53 3.24
CA ILE A 184 -0.99 -5.53 4.14
C ILE A 184 -1.31 -4.13 3.61
N GLY A 185 -1.15 -3.16 4.50
CA GLY A 185 -1.53 -1.79 4.24
C GLY A 185 -2.81 -1.42 4.96
N LYS A 186 -3.00 -0.11 5.14
CA LYS A 186 -4.23 0.44 5.69
C LYS A 186 -4.48 -0.01 7.12
N GLU A 187 -3.41 -0.44 7.82
CA GLU A 187 -3.54 -0.91 9.19
C GLU A 187 -4.06 0.19 10.11
N LYS A 188 -3.82 1.45 9.77
CA LYS A 188 -4.21 2.53 10.67
C LYS A 188 -5.72 2.57 10.88
N VAL A 189 -6.51 2.13 9.90
CA VAL A 189 -7.96 2.10 10.07
C VAL A 189 -8.33 1.31 11.32
N PHE A 190 -7.84 0.08 11.43
CA PHE A 190 -8.31 -0.69 12.58
C PHE A 190 -7.50 -0.38 13.84
N LEU A 191 -6.24 0.01 13.68
CA LEU A 191 -5.45 0.41 14.85
C LEU A 191 -6.01 1.65 15.51
N ALA A 192 -6.40 2.65 14.72
CA ALA A 192 -6.88 3.91 15.30
C ALA A 192 -8.24 3.73 15.93
N ILE A 193 -9.11 2.93 15.32
CA ILE A 193 -10.41 2.64 15.91
C ILE A 193 -10.25 1.92 17.24
N ALA A 194 -9.43 0.86 17.25
CA ALA A 194 -9.21 0.11 18.49
C ALA A 194 -8.65 1.01 19.58
N ASP A 195 -7.76 1.92 19.22
CA ASP A 195 -7.15 2.78 20.22
C ASP A 195 -8.19 3.69 20.87
N VAL A 196 -9.09 4.27 20.07
CA VAL A 196 -10.09 5.16 20.66
C VAL A 196 -11.13 4.38 21.46
N LEU A 197 -11.33 3.10 21.17
CA LEU A 197 -12.26 2.27 21.93
C LEU A 197 -11.60 1.55 23.09
N GLY A 198 -10.31 1.77 23.32
CA GLY A 198 -9.60 1.08 24.38
C GLY A 198 -9.60 -0.42 24.24
N SER A 199 -9.58 -0.94 23.03
CA SER A 199 -9.67 -2.37 22.78
C SER A 199 -8.48 -2.83 21.96
N LYS A 200 -8.23 -4.13 22.01
CA LYS A 200 -7.31 -4.76 21.07
C LYS A 200 -8.08 -5.14 19.81
N VAL A 201 -7.34 -5.52 18.77
CA VAL A 201 -7.93 -5.94 17.50
C VAL A 201 -7.88 -7.45 17.42
N GLY A 202 -9.05 -8.09 17.35
CA GLY A 202 -9.12 -9.54 17.19
C GLY A 202 -9.03 -9.95 15.73
N MET A 203 -8.30 -11.03 15.47
CA MET A 203 -8.07 -11.45 14.08
C MET A 203 -7.66 -12.91 14.07
N SER A 204 -7.72 -13.50 12.87
CA SER A 204 -7.27 -14.86 12.62
C SER A 204 -5.80 -15.04 12.95
N GLN A 205 -5.39 -16.30 13.10
CA GLN A 205 -3.98 -16.58 13.31
C GLN A 205 -3.13 -16.10 12.14
N GLU A 206 -3.63 -16.31 10.91
CA GLU A 206 -2.88 -15.95 9.72
C GLU A 206 -2.66 -14.45 9.62
N LYS A 207 -3.67 -13.65 9.97
CA LYS A 207 -3.52 -12.20 9.92
C LYS A 207 -2.64 -11.70 11.05
N TYR A 208 -2.80 -12.30 12.24
CA TYR A 208 -1.90 -12.05 13.35
C TYR A 208 -0.43 -12.25 12.92
N LYS A 209 -0.14 -13.42 12.37
CA LYS A 209 1.22 -13.74 11.88
C LYS A 209 1.75 -12.63 10.97
N THR A 210 0.94 -12.24 9.99
CA THR A 210 1.32 -11.18 9.06
C THR A 210 1.67 -9.89 9.78
N LEU A 211 0.80 -9.44 10.69
CA LEU A 211 1.09 -8.20 11.39
C LEU A 211 2.35 -8.30 12.23
N GLN A 212 2.67 -9.49 12.74
CA GLN A 212 3.88 -9.64 13.53
C GLN A 212 5.15 -9.48 12.71
N CYS A 213 5.06 -9.36 11.39
CA CYS A 213 6.21 -9.17 10.53
C CYS A 213 6.48 -7.69 10.21
N LEU A 214 5.66 -6.77 10.69
CA LEU A 214 5.62 -5.40 10.20
C LEU A 214 6.39 -4.40 11.06
N ASN A 215 7.13 -4.86 12.07
CA ASN A 215 7.93 -3.98 12.93
C ASN A 215 7.11 -2.83 13.50
N ILE A 216 5.87 -3.10 13.89
CA ILE A 216 5.00 -2.07 14.45
C ILE A 216 5.31 -1.98 15.94
N PRO A 217 5.67 -0.81 16.47
CA PRO A 217 5.95 -0.70 17.90
C PRO A 217 4.74 -1.08 18.74
N GLU A 218 5.01 -1.72 19.88
CA GLU A 218 3.99 -2.07 20.86
C GLU A 218 2.87 -2.90 20.24
N ILE A 219 3.20 -3.70 19.21
CA ILE A 219 2.17 -4.40 18.45
C ILE A 219 1.54 -5.50 19.31
N ASN A 220 2.32 -6.13 20.20
CA ASN A 220 1.75 -7.15 21.08
C ASN A 220 0.66 -6.56 21.98
N SER A 221 0.73 -5.25 22.25
CA SER A 221 -0.28 -4.57 23.05
C SER A 221 -1.52 -4.18 22.25
N LEU A 222 -1.49 -4.31 20.92
CA LEU A 222 -2.58 -3.83 20.08
C LEU A 222 -3.41 -4.92 19.45
N ILE A 223 -2.84 -6.10 19.16
CA ILE A 223 -3.53 -7.13 18.40
C ILE A 223 -3.58 -8.42 19.22
N THR A 224 -4.52 -9.29 18.84
CA THR A 224 -4.73 -10.56 19.53
C THR A 224 -5.46 -11.52 18.61
N THR A 225 -5.29 -12.81 18.89
CA THR A 225 -6.15 -13.82 18.29
C THR A 225 -7.36 -14.16 19.17
N ASP A 226 -7.44 -13.57 20.36
CA ASP A 226 -8.59 -13.79 21.25
C ASP A 226 -9.72 -12.89 20.80
N MET A 227 -10.56 -13.42 19.89
CA MET A 227 -11.59 -12.61 19.25
C MET A 227 -12.55 -12.01 20.28
N CYS A 228 -13.02 -12.81 21.21
CA CYS A 228 -14.14 -12.37 22.05
C CYS A 228 -13.72 -11.53 23.23
N SER A 229 -12.43 -11.30 23.43
CA SER A 229 -11.94 -10.27 24.34
C SER A 229 -11.73 -8.93 23.66
N SER A 230 -12.18 -8.80 22.40
CA SER A 230 -11.95 -7.59 21.63
CA SER A 230 -11.94 -7.61 21.60
C SER A 230 -13.26 -7.16 20.98
N LEU A 231 -13.41 -5.85 20.84
CA LEU A 231 -14.59 -5.30 20.19
C LEU A 231 -14.24 -4.62 18.87
N VAL A 232 -13.02 -4.80 18.38
CA VAL A 232 -12.69 -4.55 16.97
C VAL A 232 -12.19 -5.86 16.39
N HIS A 233 -12.88 -6.34 15.35
CA HIS A 233 -12.51 -7.58 14.69
C HIS A 233 -12.09 -7.31 13.24
N LEU A 234 -11.09 -8.06 12.77
CA LEU A 234 -10.71 -8.06 11.36
C LEU A 234 -11.31 -9.28 10.67
N LEU A 235 -11.83 -9.08 9.47
CA LEU A 235 -12.33 -10.16 8.64
C LEU A 235 -11.79 -10.00 7.23
N PRO A 236 -11.69 -11.10 6.48
CA PRO A 236 -11.37 -10.98 5.06
C PRO A 236 -12.33 -10.02 4.40
N MET A 237 -11.81 -9.25 3.44
CA MET A 237 -12.61 -8.23 2.79
C MET A 237 -13.88 -8.80 2.17
N MET A 238 -13.81 -10.04 1.66
CA MET A 238 -14.96 -10.68 1.03
C MET A 238 -16.08 -10.98 2.01
N GLN A 239 -15.79 -11.03 3.30
CA GLN A 239 -16.84 -11.29 4.27
C GLN A 239 -17.56 -10.02 4.72
N ILE A 240 -17.11 -8.85 4.26
CA ILE A 240 -17.74 -7.59 4.68
C ILE A 240 -18.97 -7.37 3.82
N ASN A 241 -20.02 -8.14 4.12
CA ASN A 241 -21.33 -7.97 3.51
C ASN A 241 -22.35 -8.39 4.54
N PHE A 242 -23.61 -8.04 4.27
CA PHE A 242 -24.67 -8.34 5.23
C PHE A 242 -24.70 -9.82 5.58
N LYS A 243 -24.56 -10.69 4.57
CA LYS A 243 -24.56 -12.13 4.82
C LYS A 243 -23.35 -12.56 5.65
N GLY A 244 -22.15 -12.11 5.26
CA GLY A 244 -20.96 -12.52 6.00
C GLY A 244 -20.94 -11.99 7.43
N LEU A 245 -21.48 -10.78 7.63
CA LEU A 245 -21.47 -10.17 8.95
C LEU A 245 -22.58 -10.70 9.84
N GLN A 246 -23.73 -11.05 9.27
CA GLN A 246 -24.75 -11.78 10.04
C GLN A 246 -24.17 -13.07 10.60
N SER A 247 -23.42 -13.81 9.78
CA SER A 247 -22.81 -15.05 10.26
C SER A 247 -21.76 -14.77 11.33
N HIS A 248 -20.98 -13.70 11.17
CA HIS A 248 -20.02 -13.37 12.21
C HIS A 248 -20.71 -12.96 13.50
N LEU A 249 -21.94 -12.42 13.41
CA LEU A 249 -22.64 -12.00 14.62
C LEU A 249 -23.15 -13.19 15.42
N LYS A 250 -23.48 -14.29 14.75
CA LYS A 250 -23.91 -15.49 15.48
C LYS A 250 -22.78 -16.02 16.35
N LYS A 251 -21.57 -16.12 15.81
CA LYS A 251 -20.41 -16.49 16.60
C LYS A 251 -20.20 -15.50 17.75
N CYS A 252 -19.33 -15.87 18.68
CA CYS A 252 -19.08 -15.11 19.90
C CYS A 252 -20.32 -15.01 20.79
N GLY A 253 -21.36 -15.80 20.48
CA GLY A 253 -22.49 -16.07 21.35
C GLY A 253 -23.18 -14.90 22.02
N GLY A 254 -24.04 -14.21 21.29
CA GLY A 254 -24.92 -13.18 21.83
C GLY A 254 -24.22 -12.16 22.71
N LYS A 255 -22.97 -11.86 22.38
CA LYS A 255 -22.18 -10.87 23.10
C LYS A 255 -22.42 -9.47 22.56
N TYR A 256 -22.74 -9.36 21.27
CA TYR A 256 -22.95 -8.10 20.59
C TYR A 256 -24.30 -8.14 19.90
N ASN A 257 -24.96 -6.97 19.83
CA ASN A 257 -26.25 -6.85 19.19
C ASN A 257 -26.23 -5.92 17.99
N GLN A 258 -25.05 -5.44 17.58
CA GLN A 258 -24.91 -4.50 16.48
C GLN A 258 -23.51 -4.63 15.90
N ILE A 259 -23.41 -4.58 14.57
CA ILE A 259 -22.12 -4.54 13.89
C ILE A 259 -22.03 -3.25 13.08
N LEU A 260 -20.95 -2.52 13.29
CA LEU A 260 -20.57 -1.41 12.43
C LEU A 260 -19.29 -1.85 11.70
N ALA A 261 -19.34 -1.89 10.37
CA ALA A 261 -18.23 -2.44 9.61
C ALA A 261 -17.66 -1.42 8.65
N PHE A 262 -16.34 -1.47 8.48
CA PHE A 262 -15.62 -0.55 7.59
C PHE A 262 -14.97 -1.33 6.47
N ARG A 263 -15.19 -0.89 5.24
CA ARG A 263 -14.64 -1.53 4.05
C ARG A 263 -13.75 -0.46 3.44
N PRO A 264 -12.46 -0.45 3.79
CA PRO A 264 -11.54 0.51 3.18
C PRO A 264 -11.37 0.17 1.71
N THR A 265 -11.74 1.11 0.86
CA THR A 265 -11.60 0.95 -0.58
C THR A 265 -10.48 1.85 -1.06
N GLY A 266 -10.27 1.86 -2.37
CA GLY A 266 -9.53 2.95 -2.98
C GLY A 266 -10.50 4.02 -3.43
N TRP A 267 -10.21 4.64 -4.58
CA TRP A 267 -11.15 5.58 -5.19
C TRP A 267 -12.42 4.86 -5.63
N THR A 268 -13.56 5.54 -5.47
CA THR A 268 -14.81 5.10 -6.07
C THR A 268 -15.49 6.29 -6.73
N HIS A 269 -16.46 6.00 -7.59
CA HIS A 269 -17.12 7.06 -8.36
C HIS A 269 -17.83 8.06 -7.45
N SER A 270 -18.33 7.63 -6.30
CA SER A 270 -18.98 8.56 -5.39
C SER A 270 -18.02 9.53 -4.72
N ASN A 271 -16.71 9.43 -4.99
CA ASN A 271 -15.76 10.41 -4.46
C ASN A 271 -15.94 11.77 -5.12
N LYS A 272 -16.04 11.79 -6.45
CA LYS A 272 -16.32 13.01 -7.19
C LYS A 272 -17.79 13.40 -7.14
N PHE A 273 -18.42 13.26 -5.96
CA PHE A 273 -19.83 13.56 -5.77
C PHE A 273 -20.10 13.96 -4.32
N THR A 274 -19.60 13.17 -3.38
CA THR A 274 -19.82 13.40 -1.96
C THR A 274 -18.51 13.76 -1.27
N ARG A 275 -18.62 14.21 -0.02
CA ARG A 275 -17.50 14.60 0.81
C ARG A 275 -17.37 13.62 1.96
N ILE A 276 -16.16 13.47 2.49
CA ILE A 276 -15.88 12.38 3.43
C ILE A 276 -16.77 12.50 4.67
N ALA A 277 -17.05 13.72 5.12
CA ALA A 277 -17.94 13.91 6.27
C ALA A 277 -19.37 13.49 5.97
N ASP A 278 -19.75 13.40 4.69
CA ASP A 278 -21.11 13.09 4.27
C ASP A 278 -21.31 11.61 3.91
N VAL A 279 -20.31 10.77 4.12
CA VAL A 279 -20.43 9.36 3.77
C VAL A 279 -21.46 8.69 4.67
N ILE A 280 -22.35 7.91 4.06
CA ILE A 280 -23.39 7.21 4.81
C ILE A 280 -23.26 5.71 4.57
N PRO A 281 -23.67 4.87 5.51
CA PRO A 281 -23.49 3.43 5.36
C PRO A 281 -24.63 2.76 4.60
N GLN A 282 -24.36 1.54 4.15
CA GLN A 282 -25.42 0.61 3.81
C GLN A 282 -25.87 -0.07 5.09
N THR A 283 -27.18 -0.08 5.35
CA THR A 283 -27.70 -0.63 6.60
C THR A 283 -28.76 -1.70 6.34
N LYS A 284 -28.69 -2.78 7.11
CA LYS A 284 -29.71 -3.85 7.11
C LYS A 284 -29.87 -4.34 8.54
N GLY A 285 -30.96 -3.95 9.20
CA GLY A 285 -31.15 -4.30 10.59
C GLY A 285 -30.09 -3.65 11.45
N ASN A 286 -29.42 -4.45 12.27
CA ASN A 286 -28.38 -3.98 13.18
C ASN A 286 -26.98 -4.09 12.57
N ILE A 287 -26.86 -4.08 11.25
CA ILE A 287 -25.57 -4.11 10.56
C ILE A 287 -25.47 -2.93 9.62
N SER A 288 -24.40 -2.14 9.75
CA SER A 288 -24.07 -1.04 8.86
C SER A 288 -22.70 -1.28 8.24
N ILE A 289 -22.54 -0.93 6.97
CA ILE A 289 -21.28 -1.07 6.24
C ILE A 289 -20.88 0.30 5.69
N TYR A 290 -19.73 0.80 6.14
CA TYR A 290 -19.17 2.07 5.66
C TYR A 290 -18.04 1.78 4.68
N GLY A 291 -18.17 2.26 3.45
CA GLY A 291 -17.05 2.23 2.52
C GLY A 291 -16.26 3.52 2.60
N ILE A 292 -14.99 3.45 2.99
CA ILE A 292 -14.20 4.64 3.27
C ILE A 292 -13.03 4.70 2.29
N PRO A 293 -12.78 5.83 1.67
CA PRO A 293 -11.80 5.95 0.58
C PRO A 293 -10.40 6.17 1.12
N TYR A 294 -9.89 5.16 1.81
CA TYR A 294 -8.53 5.19 2.35
C TYR A 294 -7.58 4.71 1.25
N SER A 295 -6.82 5.62 0.67
CA SER A 295 -5.91 5.29 -0.43
C SER A 295 -4.45 5.29 0.02
N GLU A 296 -3.69 4.30 -0.45
CA GLU A 296 -2.24 4.27 -0.34
C GLU A 296 -1.58 4.47 -1.69
N HIS A 297 -2.32 5.02 -2.65
CA HIS A 297 -1.79 5.53 -3.90
C HIS A 297 -2.03 7.03 -4.00
N SER A 298 -1.13 7.71 -4.70
CA SER A 298 -1.25 9.14 -4.99
C SER A 298 -2.62 9.46 -5.60
N SER A 299 -3.25 10.53 -5.11
CA SER A 299 -4.26 11.18 -5.93
C SER A 299 -3.57 11.84 -7.13
N TYR A 300 -4.39 12.25 -8.11
CA TYR A 300 -3.88 12.98 -9.27
C TYR A 300 -3.08 14.20 -8.83
N LEU A 301 -3.68 15.05 -7.98
CA LEU A 301 -2.98 16.26 -7.54
C LEU A 301 -1.67 15.94 -6.82
N GLU A 302 -1.67 14.91 -5.96
CA GLU A 302 -0.41 14.56 -5.29
C GLU A 302 0.62 14.07 -6.28
N MET A 303 0.20 13.26 -7.25
CA MET A 303 1.12 12.76 -8.26
C MET A 303 1.69 13.92 -9.06
N LYS A 304 0.82 14.80 -9.56
CA LYS A 304 1.26 15.93 -10.37
C LYS A 304 2.27 16.79 -9.62
N ARG A 305 2.01 17.07 -8.33
CA ARG A 305 2.93 17.91 -7.56
C ARG A 305 4.30 17.27 -7.43
N PHE A 306 4.34 15.97 -7.12
CA PHE A 306 5.62 15.29 -7.00
C PHE A 306 6.37 15.30 -8.32
N VAL A 307 5.68 15.03 -9.43
CA VAL A 307 6.37 14.97 -10.71
C VAL A 307 6.86 16.35 -11.13
N GLN A 308 6.05 17.38 -10.93
CA GLN A 308 6.48 18.71 -11.31
C GLN A 308 7.65 19.18 -10.46
N TRP A 309 7.70 18.77 -9.18
CA TRP A 309 8.86 19.07 -8.33
C TRP A 309 10.09 18.30 -8.78
N LEU A 310 9.96 17.00 -9.08
CA LEU A 310 11.13 16.19 -9.40
C LEU A 310 11.73 16.54 -10.76
N LYS A 311 10.88 16.99 -11.69
CA LYS A 311 11.28 17.36 -13.04
C LYS A 311 12.08 16.27 -13.75
N PRO A 312 11.54 15.06 -13.87
CA PRO A 312 12.26 13.98 -14.56
C PRO A 312 12.36 14.28 -16.05
N GLN A 313 13.44 13.77 -16.66
CA GLN A 313 13.59 13.96 -18.11
C GLN A 313 12.64 13.07 -18.89
N LYS A 314 12.36 11.86 -18.39
CA LYS A 314 11.46 10.95 -19.06
C LYS A 314 10.66 10.18 -18.01
N ILE A 315 9.40 9.90 -18.32
CA ILE A 315 8.50 9.20 -17.41
C ILE A 315 8.07 7.91 -18.08
N ILE A 316 8.29 6.80 -17.41
CA ILE A 316 7.78 5.49 -17.82
C ILE A 316 6.69 5.09 -16.83
N PRO A 317 5.41 5.08 -17.24
CA PRO A 317 4.36 4.62 -16.34
C PRO A 317 4.43 3.13 -16.11
N THR A 318 4.04 2.70 -14.91
CA THR A 318 4.04 1.29 -14.57
C THR A 318 2.64 0.74 -14.34
N VAL A 319 1.61 1.58 -14.43
CA VAL A 319 0.23 1.17 -14.19
C VAL A 319 -0.65 1.78 -15.28
N ASN A 320 -1.73 1.06 -15.64
CA ASN A 320 -2.69 1.50 -16.66
C ASN A 320 -2.06 1.60 -18.04
N VAL A 321 -1.14 0.69 -18.35
CA VAL A 321 -0.39 0.80 -19.58
C VAL A 321 -0.98 -0.10 -20.69
N GLY A 322 -2.16 -0.66 -20.47
CA GLY A 322 -2.66 -1.70 -21.34
C GLY A 322 -3.37 -1.27 -22.60
N THR A 323 -3.82 -0.01 -22.69
CA THR A 323 -4.60 0.42 -23.85
C THR A 323 -3.99 1.66 -24.49
N TRP A 324 -4.30 1.86 -25.77
CA TRP A 324 -3.84 3.06 -26.47
C TRP A 324 -4.37 4.31 -25.80
N LYS A 325 -5.66 4.30 -25.43
CA LYS A 325 -6.27 5.44 -24.78
C LYS A 325 -5.58 5.75 -23.45
N SER A 326 -5.31 4.73 -22.63
CA SER A 326 -4.72 4.99 -21.32
C SER A 326 -3.28 5.48 -21.44
N ARG A 327 -2.50 4.90 -22.36
CA ARG A 327 -1.13 5.36 -22.54
C ARG A 327 -1.07 6.78 -23.05
N SER A 328 -1.90 7.12 -24.04
CA SER A 328 -1.80 8.45 -24.62
C SER A 328 -2.38 9.52 -23.70
N THR A 329 -3.44 9.18 -22.94
CA THR A 329 -3.94 10.14 -21.95
C THR A 329 -2.87 10.48 -20.93
N MET A 330 -2.15 9.47 -20.43
CA MET A 330 -1.11 9.74 -19.44
C MET A 330 0.00 10.60 -20.02
N GLU A 331 0.41 10.33 -21.26
CA GLU A 331 1.43 11.16 -21.89
C GLU A 331 0.97 12.60 -22.04
N LYS A 332 -0.32 12.81 -22.38
CA LYS A 332 -0.85 14.17 -22.48
C LYS A 332 -0.72 14.90 -21.16
N TYR A 333 -1.07 14.24 -20.05
CA TYR A 333 -0.90 14.87 -18.74
C TYR A 333 0.58 15.14 -18.45
N PHE A 334 1.46 14.20 -18.75
CA PHE A 334 2.88 14.45 -18.52
C PHE A 334 3.36 15.68 -19.28
N ARG A 335 2.88 15.87 -20.51
CA ARG A 335 3.32 17.04 -21.27
C ARG A 335 2.73 18.31 -20.69
N GLU A 336 1.46 18.26 -20.29
N GLU A 336 1.46 18.28 -20.31
CA GLU A 336 0.80 19.41 -19.65
CA GLU A 336 0.84 19.43 -19.66
C GLU A 336 1.55 19.84 -18.39
C GLU A 336 1.63 19.84 -18.42
N TRP A 337 1.95 18.87 -17.56
CA TRP A 337 2.72 19.16 -16.35
C TRP A 337 4.06 19.79 -16.68
N LYS A 338 4.75 19.23 -17.67
CA LYS A 338 6.06 19.74 -18.08
C LYS A 338 5.95 21.17 -18.60
N LEU A 339 4.93 21.43 -19.43
CA LEU A 339 4.76 22.79 -19.96
C LEU A 339 4.39 23.77 -18.86
N GLU A 340 3.54 23.36 -17.92
CA GLU A 340 3.16 24.26 -16.84
C GLU A 340 4.35 24.56 -15.93
N ALA A 341 5.20 23.57 -15.66
CA ALA A 341 6.28 23.78 -14.70
C ALA A 341 7.58 24.27 -15.35
N GLY A 342 7.76 24.03 -16.64
CA GLY A 342 8.90 24.58 -17.35
C GLY A 342 10.13 23.70 -17.42
N TYR A 343 10.01 22.39 -17.29
CA TYR A 343 11.18 21.53 -17.38
C TYR A 343 11.17 20.74 -18.68
C1 U2O B . -3.47 -3.35 -2.00
C10 U2O B . -4.49 -5.14 -7.93
C11 U2O B . -4.65 -2.89 -7.36
C12 U2O B . -4.89 -0.50 -6.81
C13 U2O B . -6.11 0.31 -6.86
C14 U2O B . -7.11 0.17 -7.68
C15 U2O B . -1.98 -2.78 -3.94
C2 U2O B . -3.38 -3.23 -3.53
C3 U2O B . -3.75 -4.57 -4.21
C4 U2O B . -4.09 -4.37 -5.66
C5 U2O B . -4.15 -5.45 -6.60
C6 U2O B . -3.91 -6.79 -6.24
C7 U2O B . -4.00 -7.77 -7.20
C8 U2O B . -4.33 -7.47 -8.53
C9 U2O B . -4.56 -6.18 -8.89
N1 U2O B . -4.73 -3.84 -8.30
N2 U2O B . -4.89 -1.63 -7.74
N3 U2O B . -4.34 -3.11 -6.06
N4 U2O B . -1.25 -3.65 -4.60
O1 U2O B . 0.02 -3.31 -5.05
O2 U2O B . -1.59 -1.64 -3.69
CL1 U2O B . -3.70 -9.43 -6.77
ZN ZN C . 0.79 -2.06 -3.61
ZN ZN D . 0.39 -2.48 -6.87
#